data_2A07
#
_entry.id   2A07
#
_cell.length_a   67.542
_cell.length_b   124.210
_cell.length_c   67.666
_cell.angle_alpha   90.00
_cell.angle_beta   110.81
_cell.angle_gamma   90.00
#
_symmetry.space_group_name_H-M   'P 1 21 1'
#
loop_
_entity.id
_entity.type
_entity.pdbx_description
1 polymer "5'-D(*AP*AP*CP*TP*AP*TP*GP*AP*AP*AP*CP*AP*AP*AP*TP*TP*TP*TP*CP*CP*T)-3'"
2 polymer "5'-D(*TP*TP*AP*GP*GP*AP*AP*AP*AP*TP*TP*TP*GP*TP*TP*TP*CP*AP*TP*AP*G)-3'"
3 polymer 'Forkhead box protein P2'
4 non-polymer 'MAGNESIUM ION'
5 water water
#
loop_
_entity_poly.entity_id
_entity_poly.type
_entity_poly.pdbx_seq_one_letter_code
_entity_poly.pdbx_strand_id
1 'polydeoxyribonucleotide'
;(DA)(DA)(DC)(DT)(DA)(DT)(DG)(DA)(DA)(DA)(DC)(DA)(DA)(DA)(DT)(DT)(DT)(DT)(DC)(DC)
(DT)
;
A,C
2 'polydeoxyribonucleotide'
;(DT)(DT)(DA)(DG)(DG)(DA)(DA)(DA)(DA)(DT)(DT)(DT)(DG)(DT)(DT)(DT)(DC)(DA)(DT)(DA)
(DG)
;
B,D
3 'polypeptide(L)'
;IVRPPFTYATLIRQAIMESSDRQLTLNEIYSWFTRTFAYFRRNAATWKNAVRHNLSLHKCFVRVENVKGAVWTVDEVEYQ
KRRSQKITGSPTL
;
F,G,H,I,J,K
#
# COMPACT_ATOMS: atom_id res chain seq x y z
N VAL E 2 24.60 -0.83 -46.66
CA VAL E 2 23.63 -1.06 -45.55
C VAL E 2 23.74 -2.48 -44.98
N ARG E 3 24.87 -2.79 -44.35
CA ARG E 3 25.06 -4.12 -43.76
C ARG E 3 24.06 -4.26 -42.60
N PRO E 4 23.42 -5.43 -42.45
CA PRO E 4 22.42 -5.66 -41.40
C PRO E 4 22.97 -5.40 -39.98
N PRO E 5 22.13 -4.90 -39.06
CA PRO E 5 22.62 -4.65 -37.71
C PRO E 5 23.07 -5.96 -37.08
N PHE E 6 22.35 -7.03 -37.42
CA PHE E 6 22.64 -8.36 -36.91
C PHE E 6 22.45 -9.42 -37.99
N THR E 7 23.18 -10.53 -37.85
CA THR E 7 23.08 -11.67 -38.74
C THR E 7 23.25 -12.85 -37.80
N TYR E 8 22.87 -14.05 -38.23
CA TYR E 8 23.02 -15.19 -37.35
C TYR E 8 24.48 -15.34 -36.95
N ALA E 9 25.36 -15.02 -37.89
CA ALA E 9 26.79 -15.11 -37.64
C ALA E 9 27.27 -14.20 -36.50
N THR E 10 26.90 -12.92 -36.55
CA THR E 10 27.36 -12.01 -35.50
C THR E 10 26.75 -12.38 -34.15
N LEU E 11 25.52 -12.88 -34.17
CA LEU E 11 24.84 -13.27 -32.94
C LEU E 11 25.46 -14.52 -32.31
N ILE E 12 25.78 -15.50 -33.14
CA ILE E 12 26.40 -16.72 -32.64
C ILE E 12 27.76 -16.35 -32.02
N ARG E 13 28.50 -15.49 -32.71
CA ARG E 13 29.81 -15.07 -32.20
C ARG E 13 29.66 -14.32 -30.88
N GLN E 14 28.63 -13.48 -30.77
CA GLN E 14 28.40 -12.73 -29.55
C GLN E 14 28.14 -13.69 -28.38
N ALA E 15 27.28 -14.68 -28.59
CA ALA E 15 26.94 -15.64 -27.55
C ALA E 15 28.18 -16.40 -27.06
N ILE E 16 29.01 -16.82 -28.00
CA ILE E 16 30.22 -17.55 -27.66
C ILE E 16 31.25 -16.67 -26.99
N MET E 17 31.43 -15.45 -27.49
CA MET E 17 32.41 -14.54 -26.92
C MET E 17 32.05 -14.06 -25.51
N GLU E 18 30.77 -13.87 -25.25
CA GLU E 18 30.34 -13.39 -23.94
C GLU E 18 30.32 -14.53 -22.91
N SER E 19 30.48 -15.77 -23.37
CA SER E 19 30.46 -16.91 -22.48
C SER E 19 31.72 -17.04 -21.62
N SER E 20 31.59 -17.77 -20.51
CA SER E 20 32.68 -17.98 -19.57
C SER E 20 33.98 -18.48 -20.19
N ASP E 21 33.90 -19.64 -20.87
CA ASP E 21 35.08 -20.24 -21.50
C ASP E 21 35.13 -20.07 -23.01
N ARG E 22 34.45 -19.05 -23.53
CA ARG E 22 34.43 -18.79 -24.97
C ARG E 22 34.10 -20.03 -25.78
N GLN E 23 33.06 -20.75 -25.35
CA GLN E 23 32.62 -21.96 -26.03
C GLN E 23 31.28 -22.40 -25.46
N LEU E 24 30.37 -22.80 -26.34
CA LEU E 24 29.04 -23.23 -25.92
C LEU E 24 28.57 -24.47 -26.65
N THR E 25 27.71 -25.23 -25.99
CA THR E 25 27.14 -26.42 -26.61
C THR E 25 26.02 -25.88 -27.49
N LEU E 26 25.47 -26.70 -28.36
CA LEU E 26 24.39 -26.24 -29.23
C LEU E 26 23.23 -25.78 -28.37
N ASN E 27 22.86 -26.60 -27.39
CA ASN E 27 21.76 -26.26 -26.49
C ASN E 27 21.98 -24.94 -25.78
N GLU E 28 23.23 -24.65 -25.41
CA GLU E 28 23.51 -23.39 -24.74
C GLU E 28 23.33 -22.23 -25.70
N ILE E 29 23.70 -22.45 -26.96
CA ILE E 29 23.53 -21.41 -27.97
C ILE E 29 22.03 -21.17 -28.16
N TYR E 30 21.25 -22.24 -28.13
CA TYR E 30 19.80 -22.14 -28.28
C TYR E 30 19.21 -21.33 -27.12
N SER E 31 19.68 -21.60 -25.91
CA SER E 31 19.19 -20.89 -24.73
C SER E 31 19.46 -19.41 -24.87
N TRP E 32 20.64 -19.08 -25.38
CA TRP E 32 21.02 -17.69 -25.57
C TRP E 32 20.08 -17.05 -26.60
N PHE E 33 19.85 -17.74 -27.71
CA PHE E 33 18.96 -17.21 -28.75
C PHE E 33 17.54 -17.05 -28.24
N THR E 34 17.08 -18.02 -27.45
CA THR E 34 15.73 -17.94 -26.93
C THR E 34 15.58 -16.64 -26.14
N ARG E 35 16.52 -16.39 -25.22
CA ARG E 35 16.47 -15.19 -24.41
C ARG E 35 16.56 -13.94 -25.27
N THR E 36 17.45 -13.98 -26.27
CA THR E 36 17.62 -12.84 -27.15
C THR E 36 16.35 -12.54 -27.95
N PHE E 37 15.78 -13.55 -28.60
CA PHE E 37 14.58 -13.27 -29.36
C PHE E 37 13.44 -12.79 -28.47
N ALA E 38 13.35 -13.33 -27.25
CA ALA E 38 12.30 -12.89 -26.33
C ALA E 38 12.47 -11.39 -26.00
N TYR E 39 13.71 -10.94 -25.87
CA TYR E 39 13.98 -9.54 -25.55
C TYR E 39 13.45 -8.61 -26.64
N PHE E 40 13.64 -8.99 -27.90
CA PHE E 40 13.20 -8.16 -29.01
C PHE E 40 11.73 -8.24 -29.38
N ARG E 41 10.99 -9.12 -28.71
CA ARG E 41 9.57 -9.25 -29.00
C ARG E 41 8.82 -8.10 -28.31
N ARG E 42 9.03 -6.88 -28.81
CA ARG E 42 8.42 -5.66 -28.29
C ARG E 42 7.90 -4.82 -29.46
N ASN E 43 6.90 -3.96 -29.21
CA ASN E 43 6.34 -3.13 -30.27
C ASN E 43 7.02 -1.78 -30.38
N ALA E 44 6.74 -1.08 -31.49
CA ALA E 44 7.32 0.24 -31.75
C ALA E 44 6.98 1.24 -30.66
N ALA E 45 5.76 1.15 -30.12
CA ALA E 45 5.34 2.07 -29.07
C ALA E 45 6.22 1.89 -27.84
N THR E 46 6.61 0.63 -27.60
CA THR E 46 7.44 0.28 -26.46
C THR E 46 8.88 0.74 -26.63
N TRP E 47 9.58 0.24 -27.64
CA TRP E 47 10.98 0.65 -27.83
C TRP E 47 11.16 2.13 -28.13
N LYS E 48 10.19 2.74 -28.81
CA LYS E 48 10.31 4.17 -29.11
C LYS E 48 10.33 4.93 -27.78
N ASN E 49 9.38 4.61 -26.91
CA ASN E 49 9.33 5.26 -25.60
C ASN E 49 10.66 5.04 -24.88
N ALA E 50 11.07 3.78 -24.82
CA ALA E 50 12.31 3.39 -24.14
C ALA E 50 13.54 4.14 -24.66
N VAL E 51 13.62 4.33 -25.97
CA VAL E 51 14.76 5.02 -26.59
C VAL E 51 14.86 6.47 -26.15
N ARG E 52 13.74 7.16 -26.16
CA ARG E 52 13.73 8.55 -25.73
C ARG E 52 14.13 8.60 -24.25
N HIS E 53 13.57 7.68 -23.47
CA HIS E 53 13.86 7.59 -22.04
C HIS E 53 15.37 7.47 -21.78
N ASN E 54 16.00 6.52 -22.47
CA ASN E 54 17.44 6.29 -22.33
C ASN E 54 18.32 7.43 -22.79
N LEU E 55 17.90 8.15 -23.82
CA LEU E 55 18.69 9.27 -24.34
C LEU E 55 18.73 10.43 -23.36
N SER E 56 17.64 10.62 -22.64
CA SER E 56 17.56 11.72 -21.67
C SER E 56 17.92 11.32 -20.25
N LEU E 57 18.21 10.04 -20.03
CA LEU E 57 18.57 9.58 -18.70
C LEU E 57 20.07 9.35 -18.55
N HIS E 58 20.67 8.69 -19.53
CA HIS E 58 22.09 8.39 -19.51
C HIS E 58 22.97 9.50 -20.07
N LYS E 59 23.95 9.92 -19.28
CA LYS E 59 24.87 10.99 -19.65
C LYS E 59 25.81 10.59 -20.79
N CYS E 60 26.01 9.30 -21.00
CA CYS E 60 26.89 8.85 -22.07
C CYS E 60 26.33 9.23 -23.45
N PHE E 61 25.05 9.58 -23.49
CA PHE E 61 24.41 9.98 -24.75
C PHE E 61 24.27 11.50 -24.71
N VAL E 62 25.07 12.18 -25.53
CA VAL E 62 25.04 13.63 -25.57
C VAL E 62 24.52 14.17 -26.90
N ARG E 63 23.58 15.09 -26.83
CA ARG E 63 22.99 15.68 -28.02
C ARG E 63 23.84 16.84 -28.52
N VAL E 64 24.61 16.61 -29.57
CA VAL E 64 25.44 17.68 -30.12
C VAL E 64 24.67 18.43 -31.20
N GLU E 65 24.19 19.61 -30.83
CA GLU E 65 23.41 20.45 -31.75
C GLU E 65 24.34 21.20 -32.70
N ASN E 66 24.24 20.87 -33.98
CA ASN E 66 25.06 21.50 -35.01
C ASN E 66 24.23 22.38 -35.93
N VAL E 67 24.69 22.47 -37.16
CA VAL E 67 24.06 23.24 -38.22
C VAL E 67 22.53 23.12 -38.19
N LYS E 68 21.94 22.25 -39.02
CA LYS E 68 20.48 22.07 -39.00
C LYS E 68 20.14 20.82 -38.19
N GLY E 69 19.08 20.89 -37.39
CA GLY E 69 18.69 19.75 -36.58
C GLY E 69 19.72 19.48 -35.48
N ALA E 70 19.42 18.48 -34.64
CA ALA E 70 20.29 18.08 -33.54
C ALA E 70 20.64 16.60 -33.65
N VAL E 71 21.93 16.28 -33.68
CA VAL E 71 22.38 14.89 -33.78
C VAL E 71 22.96 14.43 -32.44
N TRP E 72 22.80 13.15 -32.10
CA TRP E 72 23.35 12.66 -30.84
C TRP E 72 24.77 12.18 -31.09
N THR E 73 25.24 11.34 -30.18
CA THR E 73 26.58 10.77 -30.27
C THR E 73 26.89 10.04 -28.97
N VAL E 74 27.97 9.27 -28.97
CA VAL E 74 28.32 8.52 -27.79
C VAL E 74 29.61 9.01 -27.11
N ASP E 75 29.50 9.18 -25.79
CA ASP E 75 30.63 9.60 -24.97
C ASP E 75 31.27 8.31 -24.52
N GLU E 76 32.13 7.76 -25.36
CA GLU E 76 32.82 6.50 -25.08
C GLU E 76 33.35 6.44 -23.65
N VAL E 77 33.84 7.56 -23.14
CA VAL E 77 34.38 7.62 -21.79
C VAL E 77 33.27 7.45 -20.76
N GLU E 78 32.18 8.17 -20.94
CA GLU E 78 31.06 8.10 -20.02
C GLU E 78 30.50 6.67 -20.05
N TYR E 79 30.57 6.05 -21.21
CA TYR E 79 30.07 4.68 -21.39
C TYR E 79 31.00 3.70 -20.70
N GLN E 80 32.22 4.16 -20.41
CA GLN E 80 33.24 3.34 -19.76
C GLN E 80 32.81 2.87 -18.37
N LYS E 81 32.09 3.72 -17.64
CA LYS E 81 31.60 3.38 -16.30
C LYS E 81 30.81 2.07 -16.37
N ARG E 82 29.88 1.99 -17.31
CA ARG E 82 29.05 0.81 -17.49
C ARG E 82 29.85 -0.44 -17.83
N ARG E 83 31.01 -0.24 -18.47
CA ARG E 83 31.87 -1.35 -18.85
C ARG E 83 32.21 -2.26 -17.67
N PRO F 5 24.07 -8.28 -22.16
CA PRO F 5 23.93 -8.67 -23.58
C PRO F 5 23.32 -7.51 -24.34
N PHE F 6 22.03 -7.27 -24.11
CA PHE F 6 21.37 -6.16 -24.77
C PHE F 6 20.55 -5.31 -23.80
N THR F 7 20.69 -4.01 -23.91
CA THR F 7 19.91 -3.05 -23.12
C THR F 7 19.69 -1.96 -24.14
N TYR F 8 18.77 -1.05 -23.88
CA TYR F 8 18.54 0.00 -24.83
C TYR F 8 19.79 0.84 -25.02
N ALA F 9 20.60 0.96 -23.96
CA ALA F 9 21.82 1.74 -24.05
C ALA F 9 22.85 1.09 -24.97
N THR F 10 23.05 -0.22 -24.85
CA THR F 10 24.03 -0.89 -25.71
C THR F 10 23.57 -0.84 -27.17
N LEU F 11 22.26 -0.89 -27.36
CA LEU F 11 21.71 -0.84 -28.72
C LEU F 11 21.86 0.54 -29.35
N ILE F 12 21.54 1.58 -28.58
CA ILE F 12 21.65 2.94 -29.08
C ILE F 12 23.12 3.20 -29.39
N ARG F 13 24.01 2.71 -28.53
CA ARG F 13 25.44 2.88 -28.73
C ARG F 13 25.89 2.10 -29.98
N GLN F 14 25.34 0.90 -30.16
CA GLN F 14 25.70 0.09 -31.32
C GLN F 14 25.31 0.83 -32.59
N ALA F 15 24.08 1.34 -32.62
CA ALA F 15 23.58 2.08 -33.78
C ALA F 15 24.50 3.24 -34.14
N ILE F 16 24.72 4.13 -33.18
CA ILE F 16 25.57 5.30 -33.38
C ILE F 16 26.99 4.91 -33.81
N MET F 17 27.54 3.88 -33.17
CA MET F 17 28.90 3.42 -33.46
C MET F 17 29.08 2.82 -34.85
N GLU F 18 28.00 2.28 -35.40
CA GLU F 18 28.07 1.66 -36.72
C GLU F 18 27.79 2.66 -37.83
N SER F 19 27.38 3.87 -37.45
CA SER F 19 27.07 4.92 -38.42
C SER F 19 28.30 5.75 -38.76
N SER F 20 28.27 6.38 -39.93
CA SER F 20 29.37 7.23 -40.35
C SER F 20 29.27 8.53 -39.54
N ASP F 21 30.39 9.15 -39.26
CA ASP F 21 30.43 10.39 -38.49
C ASP F 21 30.04 10.12 -37.04
N ARG F 22 29.83 8.86 -36.71
CA ARG F 22 29.45 8.44 -35.35
C ARG F 22 28.39 9.35 -34.74
N GLN F 23 27.39 9.68 -35.53
CA GLN F 23 26.29 10.53 -35.07
C GLN F 23 25.00 10.04 -35.72
N LEU F 24 23.87 10.34 -35.09
CA LEU F 24 22.57 9.95 -35.61
C LEU F 24 21.48 10.82 -35.00
N THR F 25 20.54 11.26 -35.82
CA THR F 25 19.44 12.06 -35.31
C THR F 25 18.48 11.06 -34.68
N LEU F 26 17.50 11.56 -33.94
CA LEU F 26 16.53 10.69 -33.29
C LEU F 26 15.79 9.86 -34.33
N ASN F 27 15.52 10.43 -35.50
CA ASN F 27 14.79 9.68 -36.51
C ASN F 27 15.65 8.55 -37.08
N GLU F 28 16.96 8.81 -37.19
CA GLU F 28 17.89 7.82 -37.71
C GLU F 28 18.07 6.67 -36.73
N ILE F 29 18.00 6.98 -35.44
CA ILE F 29 18.11 5.94 -34.42
C ILE F 29 16.82 5.12 -34.53
N TYR F 30 15.69 5.81 -34.71
CA TYR F 30 14.41 5.14 -34.87
C TYR F 30 14.43 4.16 -36.05
N SER F 31 15.05 4.60 -37.15
CA SER F 31 15.14 3.76 -38.34
C SER F 31 15.95 2.50 -38.04
N TRP F 32 17.05 2.68 -37.31
CA TRP F 32 17.92 1.55 -36.95
C TRP F 32 17.18 0.55 -36.07
N PHE F 33 16.42 1.04 -35.09
CA PHE F 33 15.66 0.14 -34.21
C PHE F 33 14.55 -0.56 -34.99
N THR F 34 13.91 0.17 -35.92
CA THR F 34 12.85 -0.42 -36.73
C THR F 34 13.43 -1.61 -37.49
N ARG F 35 14.57 -1.43 -38.12
CA ARG F 35 15.21 -2.50 -38.87
C ARG F 35 15.61 -3.63 -37.94
N THR F 36 16.13 -3.29 -36.77
CA THR F 36 16.56 -4.29 -35.82
C THR F 36 15.40 -5.13 -35.29
N PHE F 37 14.33 -4.47 -34.82
CA PHE F 37 13.22 -5.24 -34.30
C PHE F 37 12.54 -6.06 -35.40
N ALA F 38 12.54 -5.52 -36.62
CA ALA F 38 11.94 -6.22 -37.75
C ALA F 38 12.69 -7.54 -37.98
N TYR F 39 14.02 -7.48 -37.88
CA TYR F 39 14.84 -8.68 -38.07
C TYR F 39 14.40 -9.81 -37.14
N PHE F 40 14.29 -9.52 -35.84
CA PHE F 40 13.92 -10.56 -34.90
C PHE F 40 12.48 -11.05 -35.05
N ARG F 41 11.59 -10.19 -35.53
CA ARG F 41 10.18 -10.57 -35.73
C ARG F 41 10.10 -11.53 -36.93
N ARG F 42 10.76 -11.13 -38.01
CA ARG F 42 10.81 -11.91 -39.26
C ARG F 42 11.34 -13.31 -39.06
N ASN F 43 12.35 -13.43 -38.20
CA ASN F 43 13.00 -14.71 -37.99
C ASN F 43 12.74 -15.44 -36.68
N ALA F 44 11.68 -15.06 -35.99
CA ALA F 44 11.35 -15.68 -34.71
C ALA F 44 11.12 -17.19 -34.77
N ALA F 45 10.70 -17.71 -35.92
CA ALA F 45 10.44 -19.14 -36.05
C ALA F 45 11.49 -19.90 -36.84
N THR F 46 12.48 -19.18 -37.37
CA THR F 46 13.50 -19.83 -38.19
C THR F 46 14.91 -19.92 -37.60
N TRP F 47 15.17 -19.17 -36.54
CA TRP F 47 16.52 -19.15 -36.00
C TRP F 47 17.15 -20.48 -35.60
N LYS F 48 16.36 -21.46 -35.16
CA LYS F 48 16.94 -22.74 -34.78
C LYS F 48 17.63 -23.40 -35.96
N ASN F 49 16.91 -23.54 -37.06
CA ASN F 49 17.48 -24.14 -38.26
C ASN F 49 18.56 -23.24 -38.86
N ALA F 50 18.37 -21.93 -38.76
CA ALA F 50 19.33 -20.98 -39.31
C ALA F 50 20.66 -21.06 -38.58
N VAL F 51 20.60 -21.27 -37.27
CA VAL F 51 21.80 -21.40 -36.45
C VAL F 51 22.54 -22.68 -36.82
N ARG F 52 21.81 -23.79 -36.93
CA ARG F 52 22.42 -25.06 -37.29
C ARG F 52 23.10 -24.96 -38.65
N HIS F 53 22.45 -24.25 -39.58
CA HIS F 53 22.97 -24.08 -40.93
C HIS F 53 24.28 -23.27 -40.89
N ASN F 54 24.24 -22.13 -40.21
CA ASN F 54 25.41 -21.25 -40.11
C ASN F 54 26.59 -21.95 -39.47
N LEU F 55 26.34 -22.72 -38.41
CA LEU F 55 27.41 -23.43 -37.71
C LEU F 55 28.15 -24.39 -38.64
N SER F 56 27.42 -25.12 -39.49
CA SER F 56 28.09 -26.04 -40.40
C SER F 56 28.56 -25.38 -41.69
N LEU F 57 27.97 -24.24 -42.05
CA LEU F 57 28.37 -23.54 -43.27
C LEU F 57 29.65 -22.72 -43.12
N HIS F 58 29.73 -21.91 -42.06
CA HIS F 58 30.89 -21.05 -41.86
C HIS F 58 32.04 -21.71 -41.11
N LYS F 59 33.22 -21.65 -41.72
CA LYS F 59 34.42 -22.25 -41.13
C LYS F 59 34.84 -21.56 -39.82
N CYS F 60 34.45 -20.29 -39.65
CA CYS F 60 34.81 -19.55 -38.44
C CYS F 60 34.21 -20.17 -37.18
N PHE F 61 33.19 -21.01 -37.34
CA PHE F 61 32.56 -21.68 -36.21
C PHE F 61 33.09 -23.11 -36.20
N VAL F 62 33.88 -23.45 -35.20
CA VAL F 62 34.48 -24.78 -35.10
C VAL F 62 33.93 -25.60 -33.95
N ARG F 63 33.54 -26.83 -34.24
CA ARG F 63 33.01 -27.70 -33.21
C ARG F 63 34.13 -28.48 -32.51
N VAL F 64 34.32 -28.21 -31.23
CA VAL F 64 35.37 -28.87 -30.45
C VAL F 64 34.75 -29.91 -29.53
N GLU F 65 35.08 -31.17 -29.77
CA GLU F 65 34.55 -32.26 -28.97
C GLU F 65 35.47 -32.61 -27.81
N ASN F 66 35.02 -32.33 -26.59
CA ASN F 66 35.80 -32.62 -25.40
C ASN F 66 35.27 -33.86 -24.68
N VAL F 67 35.52 -33.94 -23.38
CA VAL F 67 35.09 -35.07 -22.56
C VAL F 67 33.65 -35.50 -22.86
N LYS F 68 32.69 -34.87 -22.20
CA LYS F 68 31.28 -35.19 -22.42
C LYS F 68 30.63 -34.12 -23.29
N GLY F 69 30.05 -34.56 -24.40
CA GLY F 69 29.39 -33.63 -25.31
C GLY F 69 30.38 -32.83 -26.14
N ALA F 70 29.85 -32.02 -27.04
CA ALA F 70 30.67 -31.19 -27.90
C ALA F 70 30.29 -29.72 -27.74
N VAL F 71 31.25 -28.84 -27.97
CA VAL F 71 31.00 -27.41 -27.84
C VAL F 71 31.43 -26.69 -29.11
N TRP F 72 30.90 -25.49 -29.31
CA TRP F 72 31.24 -24.70 -30.49
C TRP F 72 32.09 -23.52 -30.09
N THR F 73 33.04 -23.19 -30.95
CA THR F 73 33.95 -22.09 -30.70
C THR F 73 34.02 -21.22 -31.94
N VAL F 74 34.64 -20.06 -31.78
CA VAL F 74 34.80 -19.14 -32.88
C VAL F 74 36.28 -19.01 -33.23
N ASP F 75 36.60 -19.16 -34.51
CA ASP F 75 37.98 -19.00 -34.98
C ASP F 75 38.00 -17.53 -35.31
N GLU F 76 38.46 -16.70 -34.38
CA GLU F 76 38.47 -15.25 -34.57
C GLU F 76 39.19 -14.79 -35.83
N VAL F 77 40.28 -15.47 -36.19
CA VAL F 77 41.00 -15.07 -37.40
C VAL F 77 40.12 -15.24 -38.63
N GLU F 78 39.51 -16.42 -38.76
CA GLU F 78 38.65 -16.69 -39.91
C GLU F 78 37.46 -15.74 -39.94
N TYR F 79 36.84 -15.53 -38.79
CA TYR F 79 35.69 -14.64 -38.71
C TYR F 79 35.99 -13.26 -39.29
N GLN F 80 37.16 -12.73 -38.96
CA GLN F 80 37.55 -11.40 -39.43
C GLN F 80 37.77 -11.23 -40.93
N LYS F 81 38.19 -12.28 -41.63
CA LYS F 81 38.40 -12.16 -43.06
C LYS F 81 37.17 -11.62 -43.79
N ARG F 82 36.05 -12.32 -43.63
CA ARG F 82 34.80 -11.95 -44.29
C ARG F 82 34.32 -10.53 -44.01
N ARG F 83 34.63 -10.00 -42.82
CA ARG F 83 34.20 -8.64 -42.49
C ARG F 83 34.91 -7.62 -43.37
N PRO G 5 -21.25 -5.86 25.09
CA PRO G 5 -21.34 -5.49 26.52
C PRO G 5 -21.44 -3.97 26.69
N PHE G 6 -20.36 -3.27 26.36
CA PHE G 6 -20.36 -1.81 26.46
C PHE G 6 -19.72 -1.21 25.22
N THR G 7 -20.23 -0.06 24.81
CA THR G 7 -19.69 0.70 23.68
C THR G 7 -19.83 2.12 24.19
N TYR G 8 -19.18 3.08 23.53
CA TYR G 8 -19.31 4.44 24.00
C TYR G 8 -20.74 4.89 23.92
N ALA G 9 -21.47 4.38 22.93
CA ALA G 9 -22.87 4.75 22.76
C ALA G 9 -23.73 4.25 23.92
N THR G 10 -23.55 2.99 24.32
CA THR G 10 -24.35 2.45 25.44
C THR G 10 -24.01 3.20 26.73
N LEU G 11 -22.74 3.53 26.89
CA LEU G 11 -22.29 4.24 28.08
C LEU G 11 -22.83 5.66 28.12
N ILE G 12 -22.77 6.36 26.99
CA ILE G 12 -23.28 7.71 26.92
C ILE G 12 -24.78 7.69 27.22
N ARG G 13 -25.46 6.66 26.73
CA ARG G 13 -26.90 6.55 26.97
C ARG G 13 -27.17 6.27 28.44
N GLN G 14 -26.38 5.37 29.02
CA GLN G 14 -26.54 5.04 30.43
C GLN G 14 -26.44 6.29 31.29
N ALA G 15 -25.43 7.11 31.01
CA ALA G 15 -25.22 8.36 31.75
C ALA G 15 -26.44 9.26 31.66
N ILE G 16 -26.79 9.64 30.44
CA ILE G 16 -27.94 10.49 30.21
C ILE G 16 -29.21 9.88 30.79
N MET G 17 -29.43 8.60 30.51
CA MET G 17 -30.61 7.89 31.00
C MET G 17 -30.71 7.85 32.51
N GLU G 18 -29.56 7.87 33.18
CA GLU G 18 -29.55 7.83 34.64
C GLU G 18 -29.14 9.20 35.17
N SER G 19 -30.07 10.12 35.00
CA SER G 19 -29.94 11.51 35.42
C SER G 19 -31.34 12.08 35.26
N SER G 20 -31.76 12.91 36.23
CA SER G 20 -33.07 13.56 36.21
C SER G 20 -33.08 14.66 35.16
N ASP G 21 -34.11 14.61 34.33
CA ASP G 21 -34.35 15.52 33.20
C ASP G 21 -33.80 14.86 31.95
N ARG G 22 -33.25 13.66 32.12
CA ARG G 22 -32.67 12.90 31.01
C ARG G 22 -31.85 13.75 30.05
N GLN G 23 -31.08 14.68 30.62
CA GLN G 23 -30.23 15.56 29.84
C GLN G 23 -28.90 15.73 30.55
N LEU G 24 -27.86 16.05 29.79
CA LEU G 24 -26.53 16.26 30.34
C LEU G 24 -25.70 17.10 29.39
N THR G 25 -24.96 18.04 29.95
CA THR G 25 -24.09 18.89 29.14
C THR G 25 -22.86 18.03 28.84
N LEU G 26 -22.04 18.45 27.89
CA LEU G 26 -20.85 17.69 27.56
C LEU G 26 -19.96 17.56 28.79
N ASN G 27 -19.91 18.59 29.62
CA ASN G 27 -19.07 18.53 30.82
C ASN G 27 -19.61 17.51 31.82
N GLU G 28 -20.92 17.42 31.92
CA GLU G 28 -21.57 16.48 32.83
C GLU G 28 -21.35 15.05 32.38
N ILE G 29 -21.32 14.84 31.07
CA ILE G 29 -21.06 13.51 30.53
C ILE G 29 -19.62 13.18 30.87
N TYR G 30 -18.72 14.15 30.69
CA TYR G 30 -17.31 13.95 31.02
C TYR G 30 -17.16 13.54 32.49
N SER G 31 -17.90 14.21 33.38
CA SER G 31 -17.83 13.89 34.80
C SER G 31 -18.26 12.45 35.05
N TRP G 32 -19.34 12.03 34.40
CA TRP G 32 -19.85 10.67 34.56
C TRP G 32 -18.80 9.67 34.07
N PHE G 33 -18.18 9.92 32.92
CA PHE G 33 -17.16 9.01 32.43
C PHE G 33 -15.95 8.99 33.37
N THR G 34 -15.56 10.15 33.90
CA THR G 34 -14.42 10.21 34.81
C THR G 34 -14.69 9.29 36.00
N ARG G 35 -15.88 9.41 36.59
CA ARG G 35 -16.26 8.56 37.72
C ARG G 35 -16.22 7.09 37.32
N THR G 36 -16.78 6.80 36.15
CA THR G 36 -16.83 5.43 35.67
C THR G 36 -15.47 4.79 35.43
N PHE G 37 -14.60 5.47 34.69
CA PHE G 37 -13.30 4.91 34.44
C PHE G 37 -12.48 4.82 35.72
N ALA G 38 -12.73 5.75 36.64
CA ALA G 38 -12.01 5.74 37.91
C ALA G 38 -12.37 4.46 38.67
N TYR G 39 -13.65 4.11 38.67
CA TYR G 39 -14.12 2.90 39.34
C TYR G 39 -13.34 1.66 38.89
N PHE G 40 -13.24 1.45 37.57
CA PHE G 40 -12.54 0.29 37.07
C PHE G 40 -11.04 0.32 37.33
N ARG G 41 -10.45 1.51 37.38
CA ARG G 41 -9.03 1.65 37.63
C ARG G 41 -8.75 1.26 39.10
N ARG G 42 -9.55 1.83 40.00
CA ARG G 42 -9.44 1.60 41.44
C ARG G 42 -9.54 0.13 41.81
N ASN G 43 -10.45 -0.58 41.15
CA ASN G 43 -10.70 -1.98 41.47
C ASN G 43 -10.15 -3.02 40.50
N ALA G 44 -9.21 -2.62 39.66
CA ALA G 44 -8.63 -3.54 38.68
C ALA G 44 -7.99 -4.78 39.30
N ALA G 45 -7.56 -4.70 40.55
CA ALA G 45 -6.92 -5.86 41.16
C ALA G 45 -7.73 -6.52 42.27
N THR G 46 -8.92 -5.99 42.55
CA THR G 46 -9.73 -6.53 43.62
C THR G 46 -11.03 -7.21 43.19
N TRP G 47 -11.44 -7.00 41.94
CA TRP G 47 -12.71 -7.54 41.51
C TRP G 47 -12.95 -9.04 41.68
N LYS G 48 -11.91 -9.86 41.60
CA LYS G 48 -12.10 -11.31 41.74
C LYS G 48 -12.64 -11.63 43.15
N ASN G 49 -11.98 -11.12 44.17
CA ASN G 49 -12.41 -11.36 45.53
C ASN G 49 -13.73 -10.62 45.81
N ALA G 50 -13.89 -9.44 45.21
CA ALA G 50 -15.10 -8.66 45.41
C ALA G 50 -16.32 -9.41 44.87
N VAL G 51 -16.13 -10.06 43.72
CA VAL G 51 -17.19 -10.84 43.10
C VAL G 51 -17.58 -12.03 43.96
N ARG G 52 -16.57 -12.75 44.46
CA ARG G 52 -16.85 -13.90 45.31
C ARG G 52 -17.62 -13.48 46.55
N HIS G 53 -17.21 -12.34 47.13
CA HIS G 53 -17.84 -11.80 48.31
C HIS G 53 -19.30 -11.44 48.05
N ASN G 54 -19.54 -10.72 46.96
CA ASN G 54 -20.90 -10.30 46.61
C ASN G 54 -21.81 -11.49 46.33
N LEU G 55 -21.27 -12.51 45.68
CA LEU G 55 -22.05 -13.69 45.35
C LEU G 55 -22.57 -14.36 46.62
N SER G 56 -21.72 -14.52 47.62
CA SER G 56 -22.15 -15.16 48.86
C SER G 56 -22.85 -14.21 49.83
N LEU G 57 -22.66 -12.91 49.67
CA LEU G 57 -23.31 -11.95 50.56
C LEU G 57 -24.76 -11.64 50.19
N HIS G 58 -24.99 -11.34 48.91
CA HIS G 58 -26.33 -10.98 48.45
C HIS G 58 -27.21 -12.16 48.06
N LYS G 59 -28.38 -12.22 48.70
CA LYS G 59 -29.33 -13.30 48.45
C LYS G 59 -29.87 -13.30 47.02
N CYS G 60 -29.80 -12.15 46.35
CA CYS G 60 -30.29 -12.04 44.97
C CYS G 60 -29.48 -12.89 44.00
N PHE G 61 -28.30 -13.34 44.42
CA PHE G 61 -27.45 -14.19 43.59
C PHE G 61 -27.55 -15.61 44.15
N VAL G 62 -28.21 -16.49 43.41
CA VAL G 62 -28.41 -17.85 43.87
C VAL G 62 -27.59 -18.87 43.09
N ARG G 63 -26.90 -19.74 43.82
CA ARG G 63 -26.08 -20.77 43.20
C ARG G 63 -26.91 -22.02 42.92
N VAL G 64 -27.06 -22.34 41.63
CA VAL G 64 -27.82 -23.51 41.21
C VAL G 64 -26.87 -24.60 40.73
N GLU G 65 -26.84 -25.70 41.47
CA GLU G 65 -25.97 -26.82 41.14
C GLU G 65 -26.70 -27.82 40.25
N ASN G 66 -26.26 -27.93 39.00
CA ASN G 66 -26.88 -28.85 38.05
C ASN G 66 -26.01 -30.08 37.82
N VAL G 67 -26.16 -30.70 36.64
CA VAL G 67 -25.39 -31.89 36.28
C VAL G 67 -23.91 -31.76 36.65
N LYS G 68 -23.12 -31.18 35.75
CA LYS G 68 -21.70 -31.01 36.00
C LYS G 68 -21.39 -29.56 36.36
N GLY G 69 -20.80 -29.36 37.53
CA GLY G 69 -20.46 -28.03 37.96
C GLY G 69 -21.66 -27.27 38.50
N ALA G 70 -21.43 -26.07 39.00
CA ALA G 70 -22.49 -25.24 39.55
C ALA G 70 -22.54 -23.91 38.81
N VAL G 71 -23.73 -23.32 38.73
CA VAL G 71 -23.89 -22.04 38.05
C VAL G 71 -24.54 -21.02 38.97
N TRP G 72 -24.40 -19.75 38.63
CA TRP G 72 -24.99 -18.69 39.42
C TRP G 72 -26.10 -18.02 38.65
N THR G 73 -27.17 -17.69 39.35
CA THR G 73 -28.33 -17.06 38.75
C THR G 73 -28.73 -15.84 39.55
N VAL G 74 -29.60 -15.03 38.96
CA VAL G 74 -30.08 -13.85 39.64
C VAL G 74 -31.55 -14.02 40.02
N ASP G 75 -31.90 -13.67 41.25
CA ASP G 75 -33.28 -13.73 41.70
C ASP G 75 -33.73 -12.29 41.48
N GLU G 76 -34.34 -12.02 40.33
CA GLU G 76 -34.74 -10.66 39.99
C GLU G 76 -35.66 -9.99 40.98
N VAL G 77 -36.56 -10.75 41.60
CA VAL G 77 -37.46 -10.15 42.58
C VAL G 77 -36.64 -9.65 43.76
N GLU G 78 -35.78 -10.52 44.28
CA GLU G 78 -34.91 -10.17 45.40
C GLU G 78 -34.03 -8.98 45.03
N TYR G 79 -33.41 -9.06 43.85
CA TYR G 79 -32.54 -7.98 43.38
C TYR G 79 -33.21 -6.61 43.37
N GLN G 80 -34.40 -6.54 42.76
CA GLN G 80 -35.11 -5.28 42.68
C GLN G 80 -35.56 -4.73 44.03
N LYS G 81 -35.33 -5.48 45.10
CA LYS G 81 -35.74 -5.02 46.43
C LYS G 81 -34.69 -4.11 47.08
N ARG G 82 -33.43 -4.25 46.65
CA ARG G 82 -32.34 -3.46 47.21
C ARG G 82 -32.50 -1.96 46.99
N ARG G 83 -32.83 -1.57 45.76
CA ARG G 83 -32.99 -0.16 45.43
C ARG G 83 -34.06 0.56 46.24
N VAL H 2 -24.63 10.60 45.10
CA VAL H 2 -25.29 10.00 43.90
C VAL H 2 -24.91 8.53 43.73
N ARG H 3 -25.89 7.72 43.36
CA ARG H 3 -25.69 6.29 43.13
C ARG H 3 -24.51 6.07 42.19
N PRO H 4 -23.63 5.09 42.51
CA PRO H 4 -22.48 4.81 41.65
C PRO H 4 -22.93 4.28 40.28
N PRO H 5 -22.20 4.63 39.21
CA PRO H 5 -22.56 4.15 37.87
C PRO H 5 -22.63 2.63 37.82
N PHE H 6 -21.71 1.97 38.52
CA PHE H 6 -21.66 0.52 38.58
C PHE H 6 -21.25 0.04 39.97
N THR H 7 -21.64 -1.19 40.29
CA THR H 7 -21.27 -1.83 41.55
C THR H 7 -21.03 -3.27 41.16
N TYR H 8 -20.38 -4.05 42.02
CA TYR H 8 -20.15 -5.44 41.65
C TYR H 8 -21.49 -6.12 41.42
N ALA H 9 -22.48 -5.74 42.22
CA ALA H 9 -23.81 -6.32 42.09
C ALA H 9 -24.43 -6.03 40.71
N THR H 10 -24.43 -4.78 40.28
CA THR H 10 -25.05 -4.50 38.98
C THR H 10 -24.29 -5.18 37.83
N LEU H 11 -22.97 -5.29 37.97
CA LEU H 11 -22.14 -5.91 36.94
C LEU H 11 -22.35 -7.42 36.89
N ILE H 12 -22.46 -8.06 38.05
CA ILE H 12 -22.69 -9.50 38.08
C ILE H 12 -24.05 -9.77 37.45
N ARG H 13 -25.04 -8.96 37.81
CA ARG H 13 -26.40 -9.12 37.26
C ARG H 13 -26.38 -8.96 35.74
N GLN H 14 -25.65 -7.97 35.25
CA GLN H 14 -25.57 -7.76 33.81
C GLN H 14 -24.98 -8.98 33.11
N ALA H 15 -23.85 -9.46 33.62
CA ALA H 15 -23.19 -10.63 33.02
C ALA H 15 -24.16 -11.80 32.90
N ILE H 16 -24.87 -12.08 33.98
CA ILE H 16 -25.82 -13.18 34.00
C ILE H 16 -27.02 -12.95 33.09
N MET H 17 -27.59 -11.75 33.15
CA MET H 17 -28.76 -11.44 32.33
C MET H 17 -28.49 -11.43 30.83
N GLU H 18 -27.29 -11.00 30.43
CA GLU H 18 -26.96 -10.95 29.01
C GLU H 18 -26.53 -12.31 28.48
N SER H 19 -26.40 -13.29 29.38
CA SER H 19 -25.97 -14.63 28.98
C SER H 19 -27.11 -15.44 28.34
N SER H 20 -26.72 -16.53 27.67
CA SER H 20 -27.66 -17.41 26.98
C SER H 20 -28.73 -18.01 27.88
N ASP H 21 -28.31 -18.86 28.82
CA ASP H 21 -29.26 -19.52 29.72
C ASP H 21 -29.56 -18.73 30.99
N ARG H 22 -29.18 -17.45 30.99
CA ARG H 22 -29.42 -16.60 32.16
C ARG H 22 -28.72 -17.21 33.38
N GLN H 23 -27.61 -17.90 33.12
CA GLN H 23 -26.83 -18.53 34.19
C GLN H 23 -25.37 -18.52 33.77
N LEU H 24 -24.48 -18.51 34.76
CA LEU H 24 -23.05 -18.51 34.49
C LEU H 24 -22.28 -19.18 35.62
N THR H 25 -21.21 -19.88 35.25
CA THR H 25 -20.37 -20.53 36.25
C THR H 25 -19.49 -19.41 36.77
N LEU H 26 -18.81 -19.63 37.89
CA LEU H 26 -17.94 -18.60 38.43
C LEU H 26 -16.88 -18.24 37.37
N ASN H 27 -16.27 -19.25 36.78
CA ASN H 27 -15.26 -19.01 35.76
C ASN H 27 -15.79 -18.17 34.60
N GLU H 28 -17.06 -18.34 34.26
CA GLU H 28 -17.65 -17.57 33.17
C GLU H 28 -17.84 -16.13 33.61
N ILE H 29 -18.19 -15.95 34.89
CA ILE H 29 -18.38 -14.60 35.40
C ILE H 29 -17.02 -13.92 35.40
N TYR H 30 -15.97 -14.67 35.74
CA TYR H 30 -14.62 -14.13 35.77
C TYR H 30 -14.20 -13.69 34.36
N SER H 31 -14.52 -14.52 33.37
CA SER H 31 -14.17 -14.21 31.99
C SER H 31 -14.84 -12.91 31.57
N TRP H 32 -16.10 -12.76 31.95
CA TRP H 32 -16.85 -11.55 31.63
C TRP H 32 -16.19 -10.34 32.29
N PHE H 33 -15.84 -10.46 33.57
CA PHE H 33 -15.20 -9.35 34.28
C PHE H 33 -13.83 -9.04 33.68
N THR H 34 -13.12 -10.09 33.26
CA THR H 34 -11.80 -9.86 32.68
C THR H 34 -11.95 -8.98 31.45
N ARG H 35 -12.90 -9.33 30.58
CA ARG H 35 -13.13 -8.58 29.36
C ARG H 35 -13.61 -7.16 29.65
N THR H 36 -14.50 -7.04 30.64
CA THR H 36 -15.02 -5.74 31.02
C THR H 36 -13.95 -4.79 31.58
N PHE H 37 -13.16 -5.26 32.54
CA PHE H 37 -12.13 -4.39 33.07
C PHE H 37 -11.11 -4.00 31.99
N ALA H 38 -10.84 -4.93 31.06
CA ALA H 38 -9.90 -4.63 29.98
C ALA H 38 -10.45 -3.47 29.12
N TYR H 39 -11.75 -3.49 28.85
CA TYR H 39 -12.36 -2.44 28.04
C TYR H 39 -12.16 -1.06 28.68
N PHE H 40 -12.32 -0.99 29.99
CA PHE H 40 -12.19 0.30 30.69
C PHE H 40 -10.77 0.77 30.96
N ARG H 41 -9.78 -0.05 30.65
CA ARG H 41 -8.39 0.34 30.86
C ARG H 41 -7.95 1.30 29.75
N ARG H 42 -8.54 2.49 29.75
CA ARG H 42 -8.26 3.54 28.77
C ARG H 42 -8.02 4.86 29.51
N ASN H 43 -7.37 5.82 28.86
CA ASN H 43 -7.10 7.11 29.50
C ASN H 43 -8.15 8.14 29.16
N ALA H 44 -8.13 9.27 29.86
CA ALA H 44 -9.06 10.36 29.64
C ALA H 44 -8.96 10.92 28.23
N ALA H 45 -7.74 10.96 27.71
CA ALA H 45 -7.50 11.48 26.37
C ALA H 45 -8.19 10.59 25.33
N THR H 46 -8.27 9.30 25.63
CA THR H 46 -8.88 8.32 24.74
C THR H 46 -10.40 8.40 24.78
N TRP H 47 -10.98 8.21 25.97
CA TRP H 47 -12.43 8.26 26.07
C TRP H 47 -13.04 9.62 25.81
N LYS H 48 -12.32 10.69 26.13
CA LYS H 48 -12.83 12.02 25.88
C LYS H 48 -13.00 12.20 24.36
N ASN H 49 -11.99 11.78 23.61
CA ASN H 49 -12.05 11.89 22.16
C ASN H 49 -13.19 11.02 21.63
N ALA H 50 -13.26 9.79 22.12
CA ALA H 50 -14.29 8.84 21.71
C ALA H 50 -15.71 9.34 21.99
N VAL H 51 -15.90 10.04 23.11
CA VAL H 51 -17.22 10.57 23.46
C VAL H 51 -17.69 11.66 22.51
N ARG H 52 -16.79 12.59 22.18
CA ARG H 52 -17.15 13.64 21.26
C ARG H 52 -17.45 13.00 19.89
N HIS H 53 -16.63 12.05 19.50
CA HIS H 53 -16.79 11.34 18.23
C HIS H 53 -18.17 10.69 18.12
N ASN H 54 -18.58 9.98 19.17
CA ASN H 54 -19.88 9.30 19.19
C ASN H 54 -21.08 10.24 19.23
N LEU H 55 -20.94 11.39 19.89
CA LEU H 55 -22.04 12.35 19.98
C LEU H 55 -22.33 13.00 18.62
N SER H 56 -21.28 13.17 17.81
CA SER H 56 -21.44 13.80 16.51
C SER H 56 -21.57 12.80 15.36
N LEU H 57 -21.51 11.51 15.66
CA LEU H 57 -21.62 10.49 14.62
C LEU H 57 -22.97 9.80 14.66
N HIS H 58 -23.42 9.45 15.86
CA HIS H 58 -24.69 8.77 16.04
C HIS H 58 -25.87 9.72 16.19
N LYS H 59 -26.89 9.51 15.36
CA LYS H 59 -28.09 10.34 15.35
C LYS H 59 -28.93 10.21 16.62
N CYS H 60 -28.83 9.09 17.30
CA CYS H 60 -29.61 8.89 18.52
C CYS H 60 -29.24 9.91 19.60
N PHE H 61 -28.10 10.58 19.42
CA PHE H 61 -27.66 11.60 20.37
C PHE H 61 -27.92 12.98 19.79
N VAL H 62 -28.90 13.68 20.35
CA VAL H 62 -29.28 15.02 19.87
C VAL H 62 -28.99 16.08 20.92
N ARG H 63 -28.32 17.16 20.51
CA ARG H 63 -28.00 18.25 21.42
C ARG H 63 -29.11 19.30 21.46
N VAL H 64 -29.78 19.38 22.60
CA VAL H 64 -30.88 20.34 22.80
C VAL H 64 -30.38 21.57 23.54
N GLU H 65 -30.39 22.71 22.87
CA GLU H 65 -29.94 23.96 23.45
C GLU H 65 -31.07 24.66 24.22
N ASN H 66 -30.95 24.66 25.54
CA ASN H 66 -31.95 25.28 26.39
C ASN H 66 -31.41 26.56 27.04
N VAL H 67 -32.14 27.05 28.03
CA VAL H 67 -31.75 28.26 28.76
C VAL H 67 -30.64 27.95 29.76
N LYS H 68 -29.53 27.40 29.24
CA LYS H 68 -28.39 27.06 30.07
C LYS H 68 -27.10 27.03 29.24
N GLY H 69 -27.23 26.62 27.98
CA GLY H 69 -26.08 26.56 27.11
C GLY H 69 -26.20 25.45 26.07
N ALA H 70 -26.10 24.20 26.53
CA ALA H 70 -26.20 23.05 25.64
C ALA H 70 -26.28 21.74 26.43
N VAL H 71 -27.28 20.93 26.12
CA VAL H 71 -27.43 19.65 26.78
C VAL H 71 -27.70 18.57 25.75
N TRP H 72 -27.12 17.39 25.95
CA TRP H 72 -27.31 16.29 25.03
C TRP H 72 -28.39 15.37 25.56
N THR H 73 -29.22 14.86 24.66
CA THR H 73 -30.29 13.96 25.04
C THR H 73 -30.23 12.71 24.18
N VAL H 74 -31.09 11.74 24.47
CA VAL H 74 -31.12 10.49 23.72
C VAL H 74 -32.46 10.24 23.05
N ASP H 75 -32.42 9.95 21.75
CA ASP H 75 -33.63 9.66 20.99
C ASP H 75 -33.79 8.14 21.05
N GLU H 76 -34.51 7.67 22.06
CA GLU H 76 -34.73 6.25 22.27
C GLU H 76 -35.24 5.53 21.03
N VAL H 77 -36.13 6.17 20.28
CA VAL H 77 -36.69 5.58 19.07
C VAL H 77 -35.64 5.36 17.99
N GLU H 78 -34.67 6.27 17.92
CA GLU H 78 -33.60 6.16 16.92
C GLU H 78 -32.48 5.31 17.50
N TYR H 79 -32.57 5.03 18.80
CA TYR H 79 -31.56 4.24 19.48
C TYR H 79 -31.85 2.75 19.39
N GLN H 80 -33.14 2.40 19.35
CA GLN H 80 -33.55 1.00 19.28
C GLN H 80 -33.25 0.34 17.94
N LYS H 81 -33.55 1.04 16.85
CA LYS H 81 -33.33 0.51 15.50
C LYS H 81 -32.01 -0.26 15.39
N ARG H 82 -30.92 0.38 15.80
CA ARG H 82 -29.59 -0.23 15.75
C ARG H 82 -29.55 -1.55 16.51
N ILE I 1 -5.00 9.42 4.73
CA ILE I 1 -3.53 9.69 4.69
C ILE I 1 -3.16 10.29 3.33
N VAL I 2 -2.36 11.35 3.35
CA VAL I 2 -1.93 12.04 2.13
C VAL I 2 -0.42 11.99 1.99
N ARG I 3 0.08 11.70 0.80
CA ARG I 3 1.54 11.67 0.65
C ARG I 3 2.01 13.11 0.54
N PRO I 4 3.21 13.40 1.05
CA PRO I 4 3.72 14.78 0.97
C PRO I 4 3.84 15.22 -0.47
N PRO I 5 3.50 16.48 -0.77
CA PRO I 5 3.57 17.03 -2.11
C PRO I 5 4.99 17.45 -2.52
N PHE I 6 5.92 16.49 -2.49
CA PHE I 6 7.30 16.76 -2.87
C PHE I 6 7.86 15.48 -3.49
N THR I 7 8.88 15.61 -4.32
CA THR I 7 9.48 14.43 -4.94
C THR I 7 10.33 13.67 -3.93
N TYR I 8 10.68 12.43 -4.27
CA TYR I 8 11.51 11.64 -3.38
C TYR I 8 12.84 12.35 -3.20
N ALA I 9 13.36 12.90 -4.29
CA ALA I 9 14.63 13.60 -4.26
C ALA I 9 14.57 14.76 -3.27
N THR I 10 13.51 15.55 -3.34
CA THR I 10 13.36 16.68 -2.43
C THR I 10 13.30 16.24 -0.97
N LEU I 11 12.53 15.19 -0.71
CA LEU I 11 12.37 14.62 0.63
C LEU I 11 13.67 14.08 1.20
N ILE I 12 14.41 13.34 0.37
CA ILE I 12 15.69 12.78 0.80
C ILE I 12 16.66 13.92 1.14
N ARG I 13 16.70 14.92 0.27
CA ARG I 13 17.59 16.06 0.50
C ARG I 13 17.22 16.74 1.82
N GLN I 14 15.92 16.85 2.07
CA GLN I 14 15.44 17.49 3.29
C GLN I 14 15.96 16.74 4.50
N ALA I 15 15.81 15.41 4.48
CA ALA I 15 16.28 14.56 5.58
C ALA I 15 17.76 14.82 5.87
N ILE I 16 18.58 14.75 4.83
CA ILE I 16 20.01 14.97 4.99
C ILE I 16 20.36 16.38 5.45
N MET I 17 19.72 17.38 4.86
CA MET I 17 19.99 18.76 5.21
C MET I 17 19.66 19.05 6.68
N GLU I 18 18.67 18.33 7.21
CA GLU I 18 18.27 18.54 8.61
C GLU I 18 19.16 17.84 9.62
N SER I 19 20.02 16.94 9.15
CA SER I 19 20.90 16.21 10.06
C SER I 19 22.03 17.13 10.51
N SER I 20 22.51 16.93 11.73
CA SER I 20 23.58 17.77 12.29
C SER I 20 24.88 17.82 11.48
N ASP I 21 25.24 16.73 10.83
CA ASP I 21 26.48 16.65 10.05
C ASP I 21 26.20 16.53 8.55
N ARG I 22 24.98 16.86 8.14
CA ARG I 22 24.59 16.77 6.73
C ARG I 22 24.97 15.42 6.12
N GLN I 23 24.61 14.36 6.81
CA GLN I 23 24.87 13.00 6.36
C GLN I 23 23.99 12.04 7.15
N LEU I 24 23.51 11.01 6.47
CA LEU I 24 22.66 10.00 7.10
C LEU I 24 22.87 8.64 6.46
N THR I 25 22.82 7.59 7.26
CA THR I 25 22.94 6.24 6.72
C THR I 25 21.57 5.96 6.07
N LEU I 26 21.49 4.91 5.28
CA LEU I 26 20.21 4.57 4.64
C LEU I 26 19.11 4.35 5.68
N ASN I 27 19.41 3.59 6.73
CA ASN I 27 18.41 3.32 7.75
C ASN I 27 17.94 4.58 8.47
N GLU I 28 18.83 5.55 8.63
CA GLU I 28 18.50 6.82 9.27
C GLU I 28 17.56 7.59 8.37
N ILE I 29 17.76 7.45 7.05
CA ILE I 29 16.87 8.13 6.10
C ILE I 29 15.48 7.48 6.17
N TYR I 30 15.42 6.16 6.24
CA TYR I 30 14.13 5.47 6.37
C TYR I 30 13.43 6.00 7.64
N SER I 31 14.17 6.06 8.74
CA SER I 31 13.59 6.53 10.00
C SER I 31 13.00 7.94 9.90
N TRP I 32 13.66 8.83 9.16
CA TRP I 32 13.18 10.20 8.99
C TRP I 32 11.84 10.17 8.25
N PHE I 33 11.75 9.36 7.21
CA PHE I 33 10.50 9.23 6.44
C PHE I 33 9.35 8.75 7.32
N THR I 34 9.54 7.67 8.06
CA THR I 34 8.46 7.13 8.89
C THR I 34 8.08 8.05 10.05
N ARG I 35 9.06 8.71 10.64
CA ARG I 35 8.81 9.61 11.76
C ARG I 35 8.07 10.88 11.33
N THR I 36 8.37 11.33 10.12
CA THR I 36 7.82 12.57 9.61
C THR I 36 6.44 12.54 8.97
N PHE I 37 6.13 11.47 8.24
CA PHE I 37 4.83 11.40 7.59
C PHE I 37 4.11 10.07 7.75
N ALA I 38 2.81 10.13 8.00
CA ALA I 38 2.00 8.94 8.17
C ALA I 38 2.06 8.06 6.92
N TYR I 39 2.13 8.70 5.75
CA TYR I 39 2.18 7.98 4.48
C TYR I 39 3.27 6.90 4.46
N PHE I 40 4.41 7.18 5.10
CA PHE I 40 5.49 6.21 5.09
C PHE I 40 5.46 5.18 6.21
N ARG I 41 4.33 5.08 6.90
CA ARG I 41 4.20 4.08 7.95
C ARG I 41 3.47 2.84 7.44
N ARG I 42 3.51 2.64 6.13
CA ARG I 42 2.91 1.46 5.51
C ARG I 42 3.54 1.24 4.14
N ASN I 43 3.35 0.05 3.59
CA ASN I 43 3.88 -0.31 2.28
C ASN I 43 5.38 -0.01 2.17
N ALA I 44 6.14 -0.39 3.19
CA ALA I 44 7.57 -0.15 3.21
C ALA I 44 8.27 -0.72 1.97
N ALA I 45 7.85 -1.91 1.54
CA ALA I 45 8.48 -2.53 0.38
C ALA I 45 8.49 -1.57 -0.80
N THR I 46 7.43 -0.80 -0.95
CA THR I 46 7.34 0.17 -2.04
C THR I 46 8.17 1.43 -1.86
N TRP I 47 7.95 2.16 -0.78
CA TRP I 47 8.70 3.40 -0.62
C TRP I 47 10.19 3.27 -0.29
N LYS I 48 10.59 2.20 0.38
CA LYS I 48 12.02 2.03 0.69
C LYS I 48 12.77 1.75 -0.61
N ASN I 49 12.10 1.05 -1.52
CA ASN I 49 12.65 0.74 -2.83
C ASN I 49 12.80 2.07 -3.57
N ALA I 50 11.79 2.93 -3.45
CA ALA I 50 11.85 4.25 -4.10
C ALA I 50 13.03 5.04 -3.57
N VAL I 51 13.22 5.02 -2.25
CA VAL I 51 14.32 5.76 -1.66
C VAL I 51 15.67 5.25 -2.16
N ARG I 52 15.89 3.95 -2.12
CA ARG I 52 17.17 3.40 -2.59
C ARG I 52 17.39 3.72 -4.08
N HIS I 53 16.33 3.57 -4.87
CA HIS I 53 16.40 3.87 -6.29
C HIS I 53 16.81 5.32 -6.52
N ASN I 54 16.18 6.24 -5.80
CA ASN I 54 16.51 7.65 -5.93
C ASN I 54 17.95 7.97 -5.50
N LEU I 55 18.39 7.37 -4.39
CA LEU I 55 19.75 7.60 -3.92
C LEU I 55 20.77 7.18 -4.98
N SER I 56 20.58 6.03 -5.61
CA SER I 56 21.53 5.56 -6.64
C SER I 56 21.39 6.30 -7.96
N LEU I 57 20.16 6.44 -8.42
CA LEU I 57 19.91 7.09 -9.72
C LEU I 57 20.40 8.52 -9.87
N HIS I 58 20.08 9.35 -8.89
CA HIS I 58 20.44 10.76 -8.94
C HIS I 58 21.84 11.05 -8.45
N LYS I 59 22.61 11.72 -9.30
CA LYS I 59 23.99 12.09 -9.00
C LYS I 59 24.09 13.06 -7.82
N CYS I 60 23.01 13.78 -7.54
CA CYS I 60 23.05 14.71 -6.42
C CYS I 60 23.22 14.00 -5.08
N PHE I 61 22.93 12.69 -5.04
CA PHE I 61 23.09 11.94 -3.80
C PHE I 61 24.36 11.12 -3.89
N VAL I 62 25.32 11.45 -3.04
CA VAL I 62 26.61 10.78 -3.07
C VAL I 62 26.87 9.95 -1.84
N ARG I 63 27.17 8.67 -2.05
CA ARG I 63 27.47 7.74 -0.98
C ARG I 63 28.91 7.98 -0.53
N VAL I 64 29.09 8.21 0.78
CA VAL I 64 30.41 8.46 1.34
C VAL I 64 30.71 7.34 2.32
N GLU I 65 31.62 6.48 1.92
CA GLU I 65 32.00 5.36 2.75
C GLU I 65 32.82 5.86 3.93
N ASN I 66 32.64 5.24 5.10
CA ASN I 66 33.41 5.62 6.28
C ASN I 66 33.75 4.38 7.10
N VAL I 67 34.42 4.57 8.23
CA VAL I 67 34.81 3.43 9.05
C VAL I 67 33.67 2.49 9.45
N LYS I 68 32.51 3.05 9.80
CA LYS I 68 31.38 2.23 10.21
C LYS I 68 30.35 1.89 9.13
N GLY I 69 30.73 2.04 7.87
CA GLY I 69 29.80 1.73 6.80
C GLY I 69 29.77 2.81 5.74
N ALA I 70 28.62 3.46 5.59
CA ALA I 70 28.48 4.52 4.59
C ALA I 70 27.33 5.44 4.90
N VAL I 71 27.47 6.70 4.54
CA VAL I 71 26.42 7.67 4.75
C VAL I 71 26.11 8.29 3.42
N TRP I 72 24.91 8.82 3.30
CA TRP I 72 24.50 9.49 2.08
C TRP I 72 24.59 10.99 2.34
N THR I 73 25.07 11.73 1.33
CA THR I 73 25.22 13.18 1.41
C THR I 73 24.60 13.78 0.17
N VAL I 74 24.46 15.10 0.16
CA VAL I 74 23.87 15.80 -0.97
C VAL I 74 24.80 16.77 -1.69
N ASP I 75 24.94 16.60 -3.00
CA ASP I 75 25.76 17.52 -3.79
C ASP I 75 24.77 18.59 -4.21
N GLU I 76 24.69 19.65 -3.39
CA GLU I 76 23.76 20.75 -3.62
C GLU I 76 23.84 21.35 -5.03
N VAL I 77 25.05 21.58 -5.52
CA VAL I 77 25.22 22.14 -6.86
C VAL I 77 24.52 21.25 -7.86
N GLU I 78 24.70 19.95 -7.70
CA GLU I 78 24.09 18.96 -8.58
C GLU I 78 22.57 19.01 -8.40
N TYR I 79 22.11 19.00 -7.15
CA TYR I 79 20.69 19.03 -6.87
C TYR I 79 20.04 20.23 -7.58
N GLN I 80 20.72 21.35 -7.58
CA GLN I 80 20.20 22.57 -8.21
C GLN I 80 20.04 22.48 -9.73
N LYS I 81 20.83 21.62 -10.36
CA LYS I 81 20.74 21.44 -11.80
C LYS I 81 19.48 20.66 -12.12
N ARG I 82 18.79 21.06 -13.21
CA ARG I 82 17.55 20.44 -13.62
C ARG I 82 16.39 21.00 -12.80
N ARG I 83 16.75 21.72 -11.74
CA ARG I 83 15.75 22.35 -10.87
C ARG I 83 15.95 23.86 -10.94
N ILE J 1 2.33 7.95 -8.22
CA ILE J 1 0.84 7.73 -8.21
C ILE J 1 0.25 8.65 -7.15
N VAL J 2 -0.82 9.35 -7.50
CA VAL J 2 -1.49 10.28 -6.60
C VAL J 2 -2.95 9.86 -6.39
N ARG J 3 -3.44 9.97 -5.16
CA ARG J 3 -4.84 9.60 -4.93
C ARG J 3 -5.68 10.80 -5.36
N PRO J 4 -6.88 10.54 -5.89
CA PRO J 4 -7.75 11.65 -6.33
C PRO J 4 -8.04 12.56 -5.15
N PRO J 5 -8.09 13.88 -5.39
CA PRO J 5 -8.38 14.82 -4.29
C PRO J 5 -9.87 14.93 -4.00
N PHE J 6 -10.49 13.80 -3.67
CA PHE J 6 -11.92 13.78 -3.35
C PHE J 6 -12.13 12.76 -2.24
N THR J 7 -13.19 12.93 -1.45
CA THR J 7 -13.45 11.98 -0.38
C THR J 7 -14.02 10.70 -0.96
N TYR J 8 -14.01 9.64 -0.16
CA TYR J 8 -14.57 8.37 -0.62
C TYR J 8 -16.03 8.52 -0.98
N ALA J 9 -16.75 9.28 -0.16
CA ALA J 9 -18.17 9.50 -0.40
C ALA J 9 -18.36 10.19 -1.75
N THR J 10 -17.54 11.20 -2.02
CA THR J 10 -17.67 11.91 -3.28
C THR J 10 -17.40 11.00 -4.49
N LEU J 11 -16.38 10.15 -4.40
CA LEU J 11 -16.03 9.22 -5.49
C LEU J 11 -17.07 8.13 -5.69
N ILE J 12 -17.63 7.64 -4.60
CA ILE J 12 -18.65 6.61 -4.68
C ILE J 12 -19.88 7.21 -5.36
N ARG J 13 -20.27 8.40 -4.93
CA ARG J 13 -21.42 9.07 -5.54
C ARG J 13 -21.18 9.22 -7.03
N GLN J 14 -19.95 9.60 -7.38
CA GLN J 14 -19.59 9.80 -8.78
C GLN J 14 -19.77 8.52 -9.59
N ALA J 15 -19.28 7.40 -9.06
CA ALA J 15 -19.41 6.11 -9.74
C ALA J 15 -20.88 5.83 -10.02
N ILE J 16 -21.70 5.93 -8.99
CA ILE J 16 -23.13 5.67 -9.13
C ILE J 16 -23.82 6.65 -10.09
N MET J 17 -23.54 7.95 -9.93
CA MET J 17 -24.16 8.95 -10.79
C MET J 17 -23.81 8.78 -12.27
N GLU J 18 -22.69 8.14 -12.56
CA GLU J 18 -22.28 7.93 -13.95
C GLU J 18 -22.90 6.68 -14.56
N SER J 19 -23.43 5.79 -13.72
CA SER J 19 -24.04 4.56 -14.20
C SER J 19 -25.34 4.89 -14.93
N SER J 20 -25.71 4.06 -15.91
CA SER J 20 -26.91 4.29 -16.70
C SER J 20 -28.23 4.33 -15.90
N ASP J 21 -28.32 3.51 -14.85
CA ASP J 21 -29.54 3.45 -14.05
C ASP J 21 -29.34 4.00 -12.63
N ARG J 22 -28.26 4.76 -12.44
CA ARG J 22 -27.94 5.33 -11.13
C ARG J 22 -27.98 4.27 -10.04
N GLN J 23 -27.31 3.15 -10.29
CA GLN J 23 -27.24 2.05 -9.33
C GLN J 23 -26.06 1.17 -9.74
N LEU J 24 -25.36 0.64 -8.75
CA LEU J 24 -24.23 -0.24 -9.00
C LEU J 24 -24.08 -1.23 -7.87
N THR J 25 -23.69 -2.45 -8.20
CA THR J 25 -23.45 -3.47 -7.19
C THR J 25 -22.12 -3.08 -6.57
N LEU J 26 -21.78 -3.70 -5.44
CA LEU J 26 -20.50 -3.40 -4.79
C LEU J 26 -19.32 -3.72 -5.72
N ASN J 27 -19.36 -4.86 -6.39
CA ASN J 27 -18.26 -5.22 -7.29
C ASN J 27 -18.10 -4.24 -8.44
N GLU J 28 -19.23 -3.71 -8.93
CA GLU J 28 -19.22 -2.74 -10.01
C GLU J 28 -18.59 -1.43 -9.52
N ILE J 29 -18.80 -1.10 -8.25
CA ILE J 29 -18.19 0.11 -7.71
C ILE J 29 -16.67 -0.10 -7.61
N TYR J 30 -16.23 -1.27 -7.15
CA TYR J 30 -14.80 -1.56 -7.08
C TYR J 30 -14.21 -1.40 -8.50
N SER J 31 -14.88 -1.96 -9.50
CA SER J 31 -14.39 -1.88 -10.87
C SER J 31 -14.24 -0.44 -11.35
N TRP J 32 -15.17 0.44 -10.96
CA TRP J 32 -15.09 1.84 -11.35
C TRP J 32 -13.85 2.49 -10.75
N PHE J 33 -13.56 2.17 -9.49
CA PHE J 33 -12.38 2.71 -8.80
C PHE J 33 -11.07 2.28 -9.49
N THR J 34 -10.95 0.99 -9.79
CA THR J 34 -9.72 0.49 -10.40
C THR J 34 -9.52 0.96 -11.84
N ARG J 35 -10.61 1.04 -12.59
CA ARG J 35 -10.55 1.48 -13.98
C ARG J 35 -10.21 2.96 -14.09
N THR J 36 -10.71 3.72 -13.13
CA THR J 36 -10.54 5.16 -13.16
C THR J 36 -9.26 5.76 -12.62
N PHE J 37 -8.69 5.19 -11.57
CA PHE J 37 -7.45 5.75 -11.01
C PHE J 37 -6.38 4.72 -10.68
N ALA J 38 -5.14 5.04 -11.04
CA ALA J 38 -4.01 4.15 -10.77
C ALA J 38 -3.91 3.86 -9.27
N TYR J 39 -4.24 4.85 -8.45
CA TYR J 39 -4.18 4.71 -7.00
C TYR J 39 -4.91 3.46 -6.51
N PHE J 40 -6.05 3.16 -7.14
CA PHE J 40 -6.82 1.98 -6.71
C PHE J 40 -6.44 0.65 -7.35
N ARG J 41 -5.28 0.61 -8.00
CA ARG J 41 -4.84 -0.64 -8.59
C ARG J 41 -3.84 -1.34 -7.68
N ARG J 42 -3.86 -1.01 -6.38
CA ARG J 42 -2.98 -1.64 -5.41
C ARG J 42 -3.58 -1.48 -4.02
N ASN J 43 -3.12 -2.30 -3.08
CA ASN J 43 -3.59 -2.25 -1.69
C ASN J 43 -5.13 -2.36 -1.62
N ALA J 44 -5.69 -3.30 -2.37
CA ALA J 44 -7.13 -3.49 -2.39
C ALA J 44 -7.71 -3.71 -0.99
N ALA J 45 -6.99 -4.43 -0.14
CA ALA J 45 -7.49 -4.71 1.21
C ALA J 45 -7.87 -3.41 1.92
N THR J 46 -7.07 -2.37 1.72
CA THR J 46 -7.33 -1.08 2.34
C THR J 46 -8.48 -0.29 1.71
N TRP J 47 -8.40 0.01 0.42
CA TRP J 47 -9.45 0.83 -0.15
C TRP J 47 -10.81 0.16 -0.33
N LYS J 48 -10.85 -1.15 -0.53
CA LYS J 48 -12.15 -1.83 -0.66
C LYS J 48 -12.87 -1.79 0.69
N ASN J 49 -12.07 -1.88 1.75
CA ASN J 49 -12.60 -1.82 3.12
C ASN J 49 -13.17 -0.40 3.28
N ALA J 50 -12.44 0.60 2.78
CA ALA J 50 -12.89 1.99 2.87
C ALA J 50 -14.22 2.18 2.16
N VAL J 51 -14.33 1.60 0.96
CA VAL J 51 -15.56 1.73 0.19
C VAL J 51 -16.73 1.09 0.93
N ARG J 52 -16.54 -0.13 1.42
CA ARG J 52 -17.64 -0.81 2.13
C ARG J 52 -18.03 -0.02 3.37
N HIS J 53 -17.02 0.47 4.09
CA HIS J 53 -17.25 1.26 5.29
C HIS J 53 -18.06 2.50 4.97
N ASN J 54 -17.66 3.22 3.92
CA ASN J 54 -18.39 4.42 3.55
C ASN J 54 -19.83 4.14 3.12
N LEU J 55 -20.02 3.07 2.34
CA LEU J 55 -21.36 2.72 1.90
C LEU J 55 -22.28 2.48 3.09
N SER J 56 -21.84 1.73 4.10
CA SER J 56 -22.70 1.49 5.27
C SER J 56 -22.86 2.70 6.19
N LEU J 57 -21.74 3.32 6.55
CA LEU J 57 -21.76 4.46 7.47
C LEU J 57 -22.63 5.64 7.09
N HIS J 58 -22.46 6.11 5.86
CA HIS J 58 -23.19 7.27 5.38
C HIS J 58 -24.58 6.92 4.88
N LYS J 59 -25.58 7.60 5.45
CA LYS J 59 -26.98 7.40 5.11
C LYS J 59 -27.28 7.77 3.65
N CYS J 60 -26.45 8.61 3.05
CA CYS J 60 -26.67 8.99 1.66
C CYS J 60 -26.53 7.81 0.69
N PHE J 61 -25.92 6.72 1.14
CA PHE J 61 -25.78 5.53 0.30
C PHE J 61 -26.78 4.50 0.77
N VAL J 62 -27.72 4.19 -0.10
CA VAL J 62 -28.80 3.26 0.26
C VAL J 62 -28.75 1.98 -0.54
N ARG J 63 -28.67 0.87 0.17
CA ARG J 63 -28.64 -0.45 -0.45
C ARG J 63 -30.06 -0.78 -0.87
N VAL J 64 -30.24 -1.16 -2.13
CA VAL J 64 -31.56 -1.51 -2.66
C VAL J 64 -31.48 -2.95 -3.11
N GLU J 65 -32.15 -3.81 -2.37
CA GLU J 65 -32.14 -5.22 -2.67
C GLU J 65 -32.98 -5.44 -3.91
N ASN J 66 -32.58 -6.39 -4.74
CA ASN J 66 -33.35 -6.71 -5.93
C ASN J 66 -33.27 -8.21 -6.21
N VAL J 67 -33.94 -8.65 -7.26
CA VAL J 67 -33.94 -10.08 -7.59
C VAL J 67 -32.55 -10.72 -7.70
N LYS J 68 -31.61 -10.02 -8.34
CA LYS J 68 -30.27 -10.58 -8.52
C LYS J 68 -29.29 -10.38 -7.36
N GLY J 69 -29.71 -9.64 -6.34
CA GLY J 69 -28.83 -9.39 -5.21
C GLY J 69 -29.14 -8.03 -4.62
N ALA J 70 -28.25 -7.07 -4.83
CA ALA J 70 -28.46 -5.72 -4.31
C ALA J 70 -27.56 -4.71 -5.00
N VAL J 71 -28.08 -3.50 -5.16
CA VAL J 71 -27.33 -2.43 -5.79
C VAL J 71 -27.25 -1.31 -4.77
N TRP J 72 -26.28 -0.43 -4.96
CA TRP J 72 -26.13 0.72 -4.10
C TRP J 72 -26.64 1.91 -4.89
N THR J 73 -27.32 2.81 -4.19
CA THR J 73 -27.86 4.01 -4.80
C THR J 73 -27.50 5.20 -3.93
N VAL J 74 -27.75 6.40 -4.44
CA VAL J 74 -27.44 7.61 -3.70
C VAL J 74 -28.66 8.48 -3.38
N ASP J 75 -28.83 8.83 -2.13
CA ASP J 75 -29.91 9.72 -1.72
C ASP J 75 -29.29 11.11 -1.80
N GLU J 76 -29.46 11.77 -2.95
CA GLU J 76 -28.89 13.08 -3.21
C GLU J 76 -29.22 14.13 -2.15
N VAL J 77 -30.47 14.18 -1.72
CA VAL J 77 -30.88 15.12 -0.69
C VAL J 77 -29.98 14.95 0.53
N GLU J 78 -29.78 13.69 0.91
CA GLU J 78 -28.96 13.34 2.05
C GLU J 78 -27.50 13.73 1.81
N TYR J 79 -26.97 13.36 0.64
CA TYR J 79 -25.58 13.68 0.31
C TYR J 79 -25.33 15.18 0.45
N GLN J 80 -26.32 15.98 0.08
CA GLN J 80 -26.20 17.43 0.16
C GLN J 80 -26.10 17.97 1.58
N LYS J 81 -26.67 17.25 2.54
CA LYS J 81 -26.62 17.70 3.93
C LYS J 81 -25.21 17.46 4.45
N ARG J 82 -24.71 18.39 5.25
CA ARG J 82 -23.35 18.32 5.80
C ARG J 82 -22.34 18.73 4.74
N ARG J 83 -22.84 19.04 3.55
CA ARG J 83 -21.99 19.47 2.44
C ARG J 83 -22.54 20.76 1.83
#